data_3M91
#
_entry.id   3M91
#
_cell.length_a   44.752
_cell.length_b   28.093
_cell.length_c   96.233
_cell.angle_alpha   90.00
_cell.angle_beta   103.43
_cell.angle_gamma   90.00
#
_symmetry.space_group_name_H-M   'P 1 21 1'
#
loop_
_entity.id
_entity.type
_entity.pdbx_description
1 polymer 'Proteasome-associated ATPase'
2 polymer 'Prokaryotic ubiquitin-like protein pup'
3 water water
#
loop_
_entity_poly.entity_id
_entity_poly.type
_entity_poly.pdbx_seq_one_letter_code
_entity_poly.pdbx_strand_id
1 'polypeptide(L)' SHAPTRSARDIHQLEARIDSLAARNSKLMETLKEARQQLLALREEVDRLGQ A,C
2 'polypeptide(L)' STAAGQERREKLTEETDDLLDEIDDVLEENAEDFVRAYVQKGGE B,D
#
# COMPACT_ATOMS: atom_id res chain seq x y z
N SER A 7 38.32 -6.23 -2.00
CA SER A 7 37.93 -5.99 -0.58
C SER A 7 37.50 -4.53 -0.29
N ALA A 8 38.38 -3.54 -0.50
CA ALA A 8 37.95 -2.12 -0.46
C ALA A 8 36.80 -1.87 -1.47
N ARG A 9 36.96 -2.42 -2.67
CA ARG A 9 35.96 -2.28 -3.71
C ARG A 9 34.72 -3.13 -3.44
N ASP A 10 34.87 -4.23 -2.73
CA ASP A 10 33.74 -5.07 -2.41
C ASP A 10 32.91 -4.43 -1.33
N ILE A 11 33.59 -4.06 -0.24
CA ILE A 11 33.01 -3.33 0.88
C ILE A 11 32.20 -2.13 0.40
N HIS A 12 32.73 -1.36 -0.55
CA HIS A 12 32.05 -0.17 -1.10
C HIS A 12 30.79 -0.55 -1.90
N GLN A 13 30.86 -1.64 -2.67
CA GLN A 13 29.73 -2.10 -3.50
C GLN A 13 28.59 -2.70 -2.69
N LEU A 14 28.96 -3.37 -1.61
CA LEU A 14 27.99 -3.88 -0.68
C LEU A 14 27.38 -2.76 0.11
N GLU A 15 28.15 -1.73 0.41
CA GLU A 15 27.59 -0.58 1.09
C GLU A 15 26.60 0.17 0.20
N ALA A 16 26.86 0.21 -1.10
CA ALA A 16 26.03 0.97 -2.03
C ALA A 16 24.71 0.24 -2.40
N ARG A 17 24.75 -1.09 -2.33
CA ARG A 17 23.58 -1.94 -2.49
C ARG A 17 22.66 -1.79 -1.26
N ILE A 18 23.23 -1.92 -0.07
CA ILE A 18 22.55 -1.56 1.17
C ILE A 18 21.92 -0.18 1.12
N ASP A 19 22.68 0.87 0.78
CA ASP A 19 22.10 2.22 0.63
C ASP A 19 20.88 2.25 -0.30
N SER A 20 21.02 1.53 -1.43
CA SER A 20 20.01 1.40 -2.46
C SER A 20 18.73 0.74 -1.92
N LEU A 21 18.88 -0.42 -1.28
CA LEU A 21 17.77 -1.14 -0.70
C LEU A 21 17.13 -0.34 0.43
N ALA A 22 17.94 0.38 1.19
CA ALA A 22 17.44 1.22 2.25
C ALA A 22 16.53 2.34 1.72
N ALA A 23 16.92 2.97 0.62
CA ALA A 23 16.13 4.02 -0.06
C ALA A 23 14.80 3.47 -0.66
N ARG A 24 14.89 2.31 -1.34
CA ARG A 24 13.75 1.59 -1.83
C ARG A 24 12.76 1.20 -0.74
N ASN A 25 13.25 0.71 0.38
CA ASN A 25 12.41 0.37 1.49
C ASN A 25 11.69 1.57 2.04
N SER A 26 12.40 2.66 2.22
CA SER A 26 11.86 3.93 2.62
C SER A 26 10.72 4.38 1.69
N LYS A 27 10.90 4.28 0.38
CA LYS A 27 9.89 4.69 -0.58
C LYS A 27 8.66 3.76 -0.51
N LEU A 28 8.89 2.46 -0.35
CA LEU A 28 7.82 1.53 -0.31
C LEU A 28 7.01 1.77 0.94
N MET A 29 7.69 2.09 2.02
CA MET A 29 7.04 2.29 3.33
C MET A 29 6.15 3.54 3.38
N GLU A 30 6.70 4.63 2.86
CA GLU A 30 5.96 5.84 2.63
C GLU A 30 4.69 5.62 1.77
N THR A 31 4.85 4.90 0.65
CA THR A 31 3.76 4.69 -0.28
C THR A 31 2.69 3.82 0.43
N LEU A 32 3.13 2.82 1.20
CA LEU A 32 2.18 1.99 1.93
C LEU A 32 1.42 2.78 3.06
N LYS A 33 2.09 3.72 3.72
CA LYS A 33 1.40 4.58 4.70
C LYS A 33 0.32 5.40 3.99
N GLU A 34 0.62 5.96 2.80
CA GLU A 34 -0.37 6.62 1.99
C GLU A 34 -1.52 5.69 1.62
N ALA A 35 -1.24 4.44 1.25
CA ALA A 35 -2.31 3.53 0.83
C ALA A 35 -3.16 3.20 2.04
N ARG A 36 -2.52 3.00 3.21
CA ARG A 36 -3.25 2.80 4.47
C ARG A 36 -4.31 3.91 4.73
N GLN A 37 -3.92 5.20 4.73
CA GLN A 37 -4.82 6.32 4.89
C GLN A 37 -5.93 6.35 3.83
N GLN A 38 -5.59 6.07 2.55
CA GLN A 38 -6.60 6.16 1.50
C GLN A 38 -7.54 4.96 1.63
N LEU A 39 -7.05 3.77 1.99
CA LEU A 39 -7.97 2.67 2.19
C LEU A 39 -9.03 2.98 3.27
N LEU A 40 -8.55 3.58 4.38
CA LEU A 40 -9.46 3.91 5.45
C LEU A 40 -10.47 4.94 4.94
N ALA A 41 -10.00 5.97 4.22
CA ALA A 41 -10.96 6.99 3.73
C ALA A 41 -12.01 6.39 2.78
N LEU A 42 -11.60 5.41 1.98
CA LEU A 42 -12.57 4.78 1.06
C LEU A 42 -13.50 3.88 1.82
N ARG A 43 -12.96 3.15 2.80
CA ARG A 43 -13.89 2.30 3.63
C ARG A 43 -14.93 3.19 4.33
N GLU A 44 -14.57 4.35 4.89
CA GLU A 44 -15.55 5.24 5.52
C GLU A 44 -16.63 5.76 4.53
N GLU A 45 -16.18 6.00 3.26
CA GLU A 45 -17.12 6.53 2.25
C GLU A 45 -18.05 5.39 1.86
N VAL A 46 -17.49 4.18 1.75
CA VAL A 46 -18.38 3.01 1.46
C VAL A 46 -19.49 2.84 2.53
N ASP A 47 -19.07 2.98 3.82
CA ASP A 47 -20.04 2.82 4.88
C ASP A 47 -21.03 3.99 4.89
N ARG A 48 -20.59 5.21 4.47
CA ARG A 48 -21.51 6.34 4.44
C ARG A 48 -22.48 6.13 3.27
N LEU A 49 -22.05 5.51 2.18
CA LEU A 49 -22.91 5.49 0.99
C LEU A 49 -23.92 4.37 1.15
N GLY A 50 -23.54 3.29 1.84
CA GLY A 50 -24.40 2.15 2.10
C GLY A 50 -25.21 2.34 3.39
N GLN A 51 -25.46 3.58 3.81
CA GLN A 51 -26.11 3.81 5.13
C GLN A 51 -27.52 4.41 5.02
N SER B 1 -29.00 12.42 -1.03
CA SER B 1 -27.87 12.78 -1.99
C SER B 1 -27.71 14.34 -2.17
N THR B 2 -26.49 14.89 -1.99
CA THR B 2 -26.41 16.33 -1.97
C THR B 2 -25.19 16.58 -2.91
N ALA B 3 -25.11 17.80 -3.34
CA ALA B 3 -23.95 18.35 -4.09
C ALA B 3 -22.65 18.07 -3.27
N ALA B 4 -22.68 18.24 -1.93
CA ALA B 4 -21.45 18.13 -1.12
C ALA B 4 -21.07 16.69 -1.05
N GLY B 5 -22.06 15.79 -1.05
CA GLY B 5 -21.79 14.39 -1.07
C GLY B 5 -21.14 13.95 -2.40
N GLN B 6 -21.69 14.42 -3.52
CA GLN B 6 -21.09 14.09 -4.83
C GLN B 6 -19.67 14.68 -4.91
N GLU B 7 -19.44 15.94 -4.42
CA GLU B 7 -18.13 16.51 -4.54
C GLU B 7 -17.12 15.73 -3.72
N ARG B 8 -17.50 15.31 -2.51
CA ARG B 8 -16.68 14.45 -1.66
C ARG B 8 -16.31 13.11 -2.31
N ARG B 9 -17.23 12.48 -2.98
CA ARG B 9 -16.90 11.15 -3.60
C ARG B 9 -15.94 11.41 -4.78
N GLU B 10 -16.17 12.47 -5.59
CA GLU B 10 -15.22 12.85 -6.68
C GLU B 10 -13.85 13.16 -6.13
N LYS B 11 -13.74 13.94 -5.06
CA LYS B 11 -12.43 14.21 -4.52
C LYS B 11 -11.70 12.89 -4.11
N LEU B 12 -12.41 11.98 -3.47
CA LEU B 12 -11.85 10.78 -2.94
C LEU B 12 -11.43 9.84 -4.07
N THR B 13 -12.25 9.69 -5.09
CA THR B 13 -11.86 8.87 -6.22
C THR B 13 -10.68 9.43 -7.00
N GLU B 14 -10.66 10.74 -7.16
CA GLU B 14 -9.56 11.38 -7.84
C GLU B 14 -8.28 11.22 -7.06
N GLU B 15 -8.30 11.39 -5.74
CA GLU B 15 -7.11 11.08 -4.95
C GLU B 15 -6.72 9.63 -5.05
N THR B 16 -7.69 8.74 -5.04
CA THR B 16 -7.38 7.30 -5.15
C THR B 16 -6.66 7.09 -6.53
N ASP B 17 -7.15 7.71 -7.60
CA ASP B 17 -6.49 7.51 -8.92
C ASP B 17 -5.05 8.00 -8.92
N ASP B 18 -4.78 9.16 -8.32
CA ASP B 18 -3.40 9.69 -8.25
C ASP B 18 -2.53 8.70 -7.48
N LEU B 19 -3.07 8.10 -6.42
CA LEU B 19 -2.29 7.11 -5.62
C LEU B 19 -2.13 5.81 -6.38
N LEU B 20 -3.13 5.36 -7.14
CA LEU B 20 -2.99 4.13 -7.92
C LEU B 20 -1.82 4.33 -8.94
N ASP B 21 -1.78 5.47 -9.63
CA ASP B 21 -0.72 5.72 -10.64
C ASP B 21 0.63 5.74 -9.92
N GLU B 22 0.72 6.36 -8.73
CA GLU B 22 1.95 6.42 -7.98
C GLU B 22 2.42 5.04 -7.48
N ILE B 23 1.48 4.25 -6.97
CA ILE B 23 1.75 2.85 -6.64
C ILE B 23 2.35 2.08 -7.85
N ASP B 24 1.73 2.19 -9.02
CA ASP B 24 2.20 1.49 -10.21
C ASP B 24 3.62 1.94 -10.56
N ASP B 25 3.89 3.24 -10.48
CA ASP B 25 5.25 3.77 -10.67
C ASP B 25 6.27 3.17 -9.68
N VAL B 26 5.96 3.22 -8.37
CA VAL B 26 6.76 2.64 -7.29
C VAL B 26 7.06 1.15 -7.54
N LEU B 27 6.04 0.42 -7.93
CA LEU B 27 6.15 -1.00 -8.09
C LEU B 27 7.01 -1.33 -9.34
N GLU B 28 6.85 -0.57 -10.43
CA GLU B 28 7.73 -0.76 -11.61
C GLU B 28 9.18 -0.30 -11.34
N GLU B 29 9.39 0.81 -10.61
CA GLU B 29 10.75 1.36 -10.34
C GLU B 29 11.50 0.44 -9.40
N ASN B 30 10.77 -0.24 -8.53
CA ASN B 30 11.45 -1.17 -7.61
C ASN B 30 11.72 -2.56 -8.22
N ALA B 31 11.20 -2.81 -9.41
CA ALA B 31 11.63 -3.94 -10.24
C ALA B 31 13.13 -3.83 -10.58
N SER C 7 37.05 -8.40 8.13
CA SER C 7 36.86 -8.48 6.65
C SER C 7 36.01 -9.66 6.17
N ALA C 8 36.41 -10.90 6.49
CA ALA C 8 35.53 -12.08 6.28
C ALA C 8 34.21 -11.91 7.05
N ARG C 9 34.32 -11.44 8.29
CA ARG C 9 33.18 -11.20 9.15
C ARG C 9 32.40 -9.94 8.75
N ASP C 10 33.07 -9.00 8.11
CA ASP C 10 32.39 -7.79 7.67
C ASP C 10 31.56 -8.07 6.44
N ILE C 11 32.19 -8.75 5.47
CA ILE C 11 31.54 -9.24 4.26
C ILE C 11 30.27 -9.99 4.66
N HIS C 12 30.40 -10.96 5.57
CA HIS C 12 29.28 -11.80 6.01
C HIS C 12 28.13 -11.01 6.64
N GLN C 13 28.45 -9.92 7.33
CA GLN C 13 27.44 -9.11 8.02
C GLN C 13 26.80 -8.06 7.12
N LEU C 14 27.57 -7.61 6.14
CA LEU C 14 27.05 -6.81 5.07
C LEU C 14 26.12 -7.62 4.18
N GLU C 15 26.46 -8.88 3.96
CA GLU C 15 25.62 -9.71 3.14
C GLU C 15 24.32 -10.02 3.85
N ALA C 16 24.38 -10.18 5.17
CA ALA C 16 23.19 -10.59 5.90
C ALA C 16 22.20 -9.42 6.08
N ARG C 17 22.73 -8.20 6.12
CA ARG C 17 21.95 -6.98 6.14
C ARG C 17 21.24 -6.78 4.78
N ILE C 18 21.98 -6.98 3.69
CA ILE C 18 21.37 -7.05 2.35
C ILE C 18 20.25 -8.09 2.24
N ASP C 19 20.49 -9.36 2.65
CA ASP C 19 19.44 -10.39 2.63
C ASP C 19 18.18 -9.90 3.35
N SER C 20 18.41 -9.25 4.51
CA SER C 20 17.39 -8.71 5.38
C SER C 20 16.55 -7.60 4.73
N LEU C 21 17.22 -6.59 4.19
CA LEU C 21 16.52 -5.55 3.47
C LEU C 21 15.79 -6.11 2.26
N ALA C 22 16.42 -7.03 1.55
CA ALA C 22 15.84 -7.69 0.40
C ALA C 22 14.51 -8.38 0.76
N ALA C 23 14.49 -9.12 1.85
CA ALA C 23 13.23 -9.73 2.37
C ALA C 23 12.17 -8.69 2.81
N ARG C 24 12.61 -7.65 3.49
CA ARG C 24 11.73 -6.60 3.89
C ARG C 24 11.11 -5.93 2.66
N ASN C 25 11.90 -5.67 1.64
CA ASN C 25 11.39 -5.05 0.45
C ASN C 25 10.38 -5.90 -0.28
N SER C 26 10.66 -7.18 -0.39
CA SER C 26 9.78 -8.14 -0.94
C SER C 26 8.45 -8.12 -0.18
N LYS C 27 8.48 -8.10 1.14
CA LYS C 27 7.23 -8.10 1.91
C LYS C 27 6.45 -6.77 1.69
N LEU C 28 7.18 -5.66 1.65
CA LEU C 28 6.55 -4.39 1.46
C LEU C 28 5.90 -4.33 0.10
N MET C 29 6.54 -4.93 -0.90
CA MET C 29 6.08 -4.86 -2.28
C MET C 29 4.84 -5.69 -2.48
N GLU C 30 4.85 -6.87 -1.89
CA GLU C 30 3.68 -7.70 -1.87
C GLU C 30 2.46 -7.04 -1.20
N THR C 31 2.72 -6.39 -0.05
CA THR C 31 1.64 -5.73 0.70
C THR C 31 1.13 -4.56 -0.13
N LEU C 32 2.03 -3.84 -0.80
CA LEU C 32 1.56 -2.74 -1.60
C LEU C 32 0.72 -3.21 -2.83
N LYS C 33 1.08 -4.33 -3.46
CA LYS C 33 0.28 -4.85 -4.56
C LYS C 33 -1.10 -5.23 -4.04
N GLU C 34 -1.18 -5.75 -2.81
CA GLU C 34 -2.49 -6.07 -2.23
C GLU C 34 -3.26 -4.79 -2.02
N ALA C 35 -2.59 -3.75 -1.51
CA ALA C 35 -3.27 -2.48 -1.31
C ALA C 35 -3.75 -1.89 -2.62
N ARG C 36 -2.98 -2.05 -3.68
CA ARG C 36 -3.34 -1.57 -4.99
C ARG C 36 -4.66 -2.18 -5.43
N GLN C 37 -4.78 -3.48 -5.36
CA GLN C 37 -5.99 -4.19 -5.69
C GLN C 37 -7.19 -3.78 -4.83
N GLN C 38 -7.00 -3.63 -3.50
CA GLN C 38 -8.12 -3.31 -2.68
C GLN C 38 -8.52 -1.83 -2.86
N LEU C 39 -7.58 -0.94 -3.13
CA LEU C 39 -7.96 0.44 -3.44
C LEU C 39 -8.84 0.52 -4.69
N LEU C 40 -8.48 -0.25 -5.72
CA LEU C 40 -9.29 -0.26 -6.92
C LEU C 40 -10.70 -0.82 -6.63
N ALA C 41 -10.76 -1.94 -5.90
CA ALA C 41 -12.07 -2.54 -5.56
C ALA C 41 -12.92 -1.55 -4.76
N LEU C 42 -12.31 -0.78 -3.85
CA LEU C 42 -13.14 0.18 -3.10
C LEU C 42 -13.53 1.37 -3.98
N ARG C 43 -12.61 1.82 -4.84
CA ARG C 43 -13.03 2.92 -5.77
C ARG C 43 -14.23 2.47 -6.62
N GLU C 44 -14.24 1.23 -7.16
CA GLU C 44 -15.37 0.78 -7.97
C GLU C 44 -16.65 0.71 -7.15
N GLU C 45 -16.50 0.38 -5.86
CA GLU C 45 -17.74 0.27 -5.04
C GLU C 45 -18.26 1.69 -4.75
N VAL C 46 -17.35 2.63 -4.52
CA VAL C 46 -17.75 4.00 -4.30
C VAL C 46 -18.48 4.56 -5.56
N ASP C 47 -17.95 4.29 -6.73
CA ASP C 47 -18.65 4.67 -7.97
C ASP C 47 -19.98 3.96 -8.14
N ARG C 48 -20.12 2.70 -7.68
CA ARG C 48 -21.38 2.00 -7.84
C ARG C 48 -22.35 2.63 -6.82
N LEU C 49 -21.88 3.01 -5.68
CA LEU C 49 -22.78 3.45 -4.62
C LEU C 49 -23.28 4.83 -4.89
N GLY C 50 -22.44 5.66 -5.49
CA GLY C 50 -22.78 7.02 -5.82
C GLY C 50 -23.61 7.16 -7.11
N GLN C 51 -23.71 6.11 -7.94
CA GLN C 51 -24.38 6.23 -9.27
C GLN C 51 -25.90 6.02 -9.22
N SER D 1 -31.21 -0.81 -4.26
CA SER D 1 -30.65 -1.43 -2.97
C SER D 1 -31.09 -2.93 -2.68
N THR D 2 -30.14 -3.86 -2.55
CA THR D 2 -30.56 -5.24 -2.54
C THR D 2 -29.70 -5.91 -1.43
N ALA D 3 -30.14 -7.06 -1.04
CA ALA D 3 -29.39 -7.94 -0.12
C ALA D 3 -27.99 -8.20 -0.74
N ALA D 4 -27.88 -8.39 -2.07
CA ALA D 4 -26.57 -8.72 -2.70
C ALA D 4 -25.66 -7.56 -2.64
N GLY D 5 -26.22 -6.35 -2.73
CA GLY D 5 -25.42 -5.15 -2.74
C GLY D 5 -24.94 -4.96 -1.28
N GLN D 6 -25.80 -5.17 -0.32
CA GLN D 6 -25.30 -5.08 1.07
C GLN D 6 -24.24 -6.15 1.38
N GLU D 7 -24.42 -7.42 0.95
CA GLU D 7 -23.45 -8.40 1.24
C GLU D 7 -22.08 -8.08 0.61
N ARG D 8 -22.11 -7.57 -0.62
CA ARG D 8 -20.92 -7.09 -1.33
C ARG D 8 -20.17 -6.02 -0.57
N ARG D 9 -20.87 -5.04 -0.03
CA ARG D 9 -20.16 -3.93 0.65
C ARG D 9 -19.59 -4.48 1.97
N GLU D 10 -20.33 -5.33 2.67
CA GLU D 10 -19.76 -6.04 3.88
C GLU D 10 -18.53 -6.87 3.56
N LYS D 11 -18.54 -7.62 2.48
CA LYS D 11 -17.35 -8.40 2.17
C LYS D 11 -16.13 -7.47 1.90
N LEU D 12 -16.36 -6.40 1.18
CA LEU D 12 -15.37 -5.51 0.76
C LEU D 12 -14.79 -4.77 1.99
N THR D 13 -15.62 -4.28 2.87
CA THR D 13 -15.13 -3.63 4.06
C THR D 13 -14.39 -4.58 5.01
N GLU D 14 -14.89 -5.78 5.17
CA GLU D 14 -14.19 -6.75 6.03
C GLU D 14 -12.84 -7.08 5.42
N GLU D 15 -12.73 -7.28 4.10
CA GLU D 15 -11.39 -7.52 3.50
C GLU D 15 -10.49 -6.31 3.68
N THR D 16 -11.07 -5.10 3.59
CA THR D 16 -10.27 -3.85 3.76
C THR D 16 -9.71 -3.85 5.21
N ASP D 17 -10.53 -4.22 6.19
CA ASP D 17 -10.11 -4.29 7.64
C ASP D 17 -8.97 -5.29 7.84
N ASP D 18 -9.07 -6.47 7.26
CA ASP D 18 -7.97 -7.45 7.34
C ASP D 18 -6.68 -6.87 6.75
N LEU D 19 -6.79 -6.22 5.61
CA LEU D 19 -5.61 -5.61 4.96
C LEU D 19 -5.11 -4.41 5.79
N LEU D 20 -5.98 -3.60 6.36
CA LEU D 20 -5.49 -2.49 7.25
C LEU D 20 -4.64 -3.09 8.46
N ASP D 21 -5.12 -4.18 9.06
CA ASP D 21 -4.41 -4.74 10.24
C ASP D 21 -3.09 -5.29 9.74
N GLU D 22 -3.05 -5.91 8.55
CA GLU D 22 -1.81 -6.43 7.99
C GLU D 22 -0.81 -5.34 7.60
N ILE D 23 -1.30 -4.25 7.03
CA ILE D 23 -0.47 -3.08 6.77
C ILE D 23 0.18 -2.52 8.06
N ASP D 24 -0.61 -2.38 9.11
CA ASP D 24 -0.10 -1.89 10.38
C ASP D 24 0.96 -2.82 10.96
N ASP D 25 0.72 -4.13 10.90
CA ASP D 25 1.73 -5.13 11.27
C ASP D 25 3.07 -4.97 10.49
N VAL D 26 2.99 -4.91 9.16
CA VAL D 26 4.07 -4.76 8.24
C VAL D 26 4.88 -3.49 8.52
N LEU D 27 4.16 -2.40 8.77
CA LEU D 27 4.77 -1.11 8.98
C LEU D 27 5.50 -1.05 10.35
N GLU D 28 4.93 -1.66 11.38
CA GLU D 28 5.58 -1.79 12.70
C GLU D 28 6.77 -2.78 12.68
N GLU D 29 6.68 -3.90 11.94
CA GLU D 29 7.78 -4.88 11.86
C GLU D 29 8.98 -4.32 11.07
N ASN D 30 8.66 -3.41 10.16
CA ASN D 30 9.64 -2.81 9.32
C ASN D 30 10.52 -2.01 10.18
N ALA D 31 9.95 -1.08 10.88
CA ALA D 31 10.66 -0.44 11.97
C ALA D 31 10.86 -1.51 13.05
#